data_6BWE
#
_entry.id   6BWE
#
_cell.length_a   65.193
_cell.length_b   45.497
_cell.length_c   74.880
_cell.angle_alpha   90.000
_cell.angle_beta   96.370
_cell.angle_gamma   90.000
#
_symmetry.space_group_name_H-M   'P 1 21 1'
#
loop_
_entity.id
_entity.type
_entity.pdbx_description
1 polymer 'Putative fimbrial associated sortase-like protein'
2 water water
#
_entity_poly.entity_id   1
_entity_poly.type   'polypeptide(L)'
_entity_poly.pdbx_seq_one_letter_code
;SNANNARQARVAQSYENSYEVDSPAVRDSVLEAARQYNTSVVGFPILGPGLNRASKNSGPYLDYLQQLNPQRAERPVIAS
ISIPTIDAHLPIYHGTDTATLEHGLGHLYGSALPVGGTGTHPVITGHSGLANATLFDNLEDVKEHDPIYITVQGETLKYE
VDAINVVLPEDTKLLAPDPNKDQITLIT(CSO)TPYAVNSHRLLVRAHRVDLDPNDPNL
;
_entity_poly.pdbx_strand_id   A,B
#
# COMPACT_ATOMS: atom_id res chain seq x y z
N GLU A 20 16.42 -21.88 18.86
CA GLU A 20 16.06 -20.94 19.93
C GLU A 20 15.59 -19.65 19.32
N VAL A 21 14.44 -19.16 19.77
CA VAL A 21 13.83 -17.97 19.20
C VAL A 21 14.73 -16.73 19.32
N ASP A 22 15.50 -16.62 20.41
CA ASP A 22 16.38 -15.52 20.64
C ASP A 22 17.79 -15.67 20.06
N SER A 23 18.04 -16.71 19.29
CA SER A 23 19.36 -16.95 18.69
C SER A 23 19.63 -15.93 17.59
N PRO A 24 20.92 -15.59 17.35
CA PRO A 24 21.24 -14.74 16.18
C PRO A 24 20.74 -15.30 14.83
N ALA A 25 20.81 -16.61 14.63
CA ALA A 25 20.34 -17.26 13.39
C ALA A 25 18.87 -16.95 13.16
N VAL A 26 18.05 -17.17 14.19
CA VAL A 26 16.62 -16.90 14.07
C VAL A 26 16.35 -15.40 13.91
N ARG A 27 16.93 -14.59 14.77
CA ARG A 27 16.73 -13.12 14.70
C ARG A 27 17.12 -12.57 13.31
N ASP A 28 18.29 -12.96 12.80
CA ASP A 28 18.74 -12.60 11.43
C ASP A 28 17.75 -13.00 10.35
N SER A 29 17.22 -14.22 10.43
CA SER A 29 16.26 -14.71 9.44
CA SER A 29 16.25 -14.71 9.44
C SER A 29 14.92 -13.94 9.50
N VAL A 30 14.47 -13.63 10.71
CA VAL A 30 13.23 -12.90 10.93
C VAL A 30 13.36 -11.45 10.40
N LEU A 31 14.49 -10.80 10.69
CA LEU A 31 14.76 -9.47 10.13
C LEU A 31 14.80 -9.48 8.60
N GLU A 32 15.50 -10.43 8.00
CA GLU A 32 15.53 -10.56 6.56
CA GLU A 32 15.52 -10.48 6.53
C GLU A 32 14.13 -10.77 6.00
N ALA A 33 13.38 -11.67 6.63
CA ALA A 33 12.01 -11.91 6.17
C ALA A 33 11.17 -10.63 6.23
N ALA A 34 11.36 -9.83 7.27
CA ALA A 34 10.59 -8.57 7.38
C ALA A 34 11.01 -7.52 6.37
N ARG A 35 12.29 -7.46 6.06
CA ARG A 35 12.77 -6.60 4.96
C ARG A 35 12.18 -7.03 3.60
N GLN A 36 12.11 -8.34 3.36
CA GLN A 36 11.44 -8.86 2.16
C GLN A 36 9.94 -8.46 2.12
N TYR A 37 9.25 -8.65 3.25
CA TYR A 37 7.85 -8.21 3.38
C TYR A 37 7.73 -6.72 3.00
N ASN A 38 8.62 -5.92 3.55
CA ASN A 38 8.59 -4.48 3.26
C ASN A 38 8.70 -4.10 1.78
N THR A 39 9.36 -4.91 0.97
CA THR A 39 9.43 -4.63 -0.47
C THR A 39 8.06 -4.65 -1.12
N SER A 40 7.13 -5.36 -0.50
CA SER A 40 5.75 -5.50 -1.00
C SER A 40 4.84 -4.33 -0.60
N VAL A 41 5.30 -3.44 0.30
CA VAL A 41 4.54 -2.32 0.76
C VAL A 41 4.80 -1.16 -0.20
N VAL A 42 3.82 -0.80 -0.98
CA VAL A 42 4.09 0.23 -1.96
CA VAL A 42 3.96 0.14 -2.07
C VAL A 42 3.31 1.51 -1.76
N GLY A 43 2.25 1.53 -1.00
CA GLY A 43 1.72 2.85 -0.66
C GLY A 43 2.06 3.35 0.74
N PHE A 44 1.11 4.11 1.24
CA PHE A 44 1.04 4.41 2.64
C PHE A 44 -0.42 4.30 3.02
N PRO A 45 -0.71 4.17 4.32
CA PRO A 45 -2.10 4.09 4.76
C PRO A 45 -2.85 5.41 4.65
N ILE A 46 -3.96 5.42 3.91
CA ILE A 46 -4.84 6.63 3.75
C ILE A 46 -6.23 6.42 4.35
N ALA A 54 -9.23 -3.89 6.35
CA ALA A 54 -8.56 -5.05 5.75
C ALA A 54 -9.08 -6.31 6.36
N SER A 55 -9.50 -7.27 5.53
CA SER A 55 -9.90 -8.55 6.05
C SER A 55 -8.60 -9.13 6.60
N LYS A 56 -8.68 -9.67 7.82
CA LYS A 56 -7.53 -10.28 8.45
C LYS A 56 -7.31 -11.65 7.92
N ASN A 57 -8.23 -12.16 7.08
CA ASN A 57 -8.05 -13.45 6.43
C ASN A 57 -7.43 -13.39 5.03
N SER A 58 -7.18 -12.19 4.51
CA SER A 58 -6.48 -12.07 3.23
C SER A 58 -5.06 -12.62 3.32
N GLY A 59 -4.55 -13.13 2.20
CA GLY A 59 -3.17 -13.59 2.14
C GLY A 59 -2.16 -12.58 2.67
N PRO A 60 -2.22 -11.32 2.18
CA PRO A 60 -1.22 -10.35 2.66
C PRO A 60 -1.31 -10.05 4.14
N TYR A 61 -2.52 -9.97 4.69
CA TYR A 61 -2.66 -9.67 6.11
C TYR A 61 -2.13 -10.85 6.96
N LEU A 62 -2.41 -12.07 6.50
CA LEU A 62 -1.90 -13.28 7.16
C LEU A 62 -0.38 -13.32 7.15
N ASP A 63 0.21 -12.94 6.01
CA ASP A 63 1.66 -12.87 5.93
C ASP A 63 2.26 -11.80 6.84
N TYR A 64 1.63 -10.64 6.87
CA TYR A 64 1.97 -9.59 7.83
C TYR A 64 2.06 -10.09 9.27
N LEU A 65 1.05 -10.83 9.68
CA LEU A 65 0.97 -11.34 11.03
C LEU A 65 2.03 -12.37 11.36
N GLN A 66 2.52 -13.11 10.36
CA GLN A 66 3.65 -14.00 10.55
C GLN A 66 4.99 -13.26 10.72
N GLN A 67 5.07 -11.98 10.32
CA GLN A 67 6.35 -11.28 10.37
C GLN A 67 6.62 -10.86 11.81
N LEU A 68 7.91 -10.81 12.15
CA LEU A 68 8.38 -10.47 13.47
C LEU A 68 7.73 -11.34 14.55
N ASN A 69 7.52 -12.62 14.24
CA ASN A 69 6.78 -13.51 15.14
C ASN A 69 7.21 -14.95 14.92
N PRO A 70 8.51 -15.24 15.11
CA PRO A 70 9.00 -16.60 14.90
C PRO A 70 8.46 -17.57 15.95
N GLN A 71 8.10 -17.06 17.11
CA GLN A 71 7.44 -17.84 18.14
C GLN A 71 5.99 -18.20 17.74
N ARG A 72 5.47 -17.61 16.64
CA ARG A 72 4.13 -17.88 16.12
CA ARG A 72 4.12 -17.88 16.11
C ARG A 72 3.05 -17.69 17.19
N ALA A 73 3.15 -16.59 17.92
CA ALA A 73 2.21 -16.24 18.98
C ALA A 73 1.03 -15.47 18.38
N GLU A 74 -0.04 -15.34 19.17
CA GLU A 74 -1.25 -14.66 18.72
CA GLU A 74 -1.26 -14.65 18.74
C GLU A 74 -1.15 -13.12 18.77
N ARG A 75 -0.54 -12.58 19.83
CA ARG A 75 -0.33 -11.10 19.97
C ARG A 75 1.10 -10.81 20.37
N PRO A 76 2.04 -11.12 19.48
CA PRO A 76 3.43 -10.86 19.84
C PRO A 76 3.76 -9.38 19.89
N VAL A 77 4.68 -9.05 20.79
CA VAL A 77 5.33 -7.74 20.74
C VAL A 77 6.30 -7.78 19.56
N ILE A 78 6.05 -6.98 18.54
CA ILE A 78 6.87 -7.03 17.33
C ILE A 78 8.14 -6.18 17.46
N ALA A 79 8.08 -5.15 18.30
CA ALA A 79 9.19 -4.26 18.59
C ALA A 79 8.85 -3.43 19.79
N SER A 80 9.84 -2.76 20.37
CA SER A 80 9.54 -1.79 21.41
C SER A 80 10.19 -0.47 21.03
N ILE A 81 9.67 0.59 21.62
CA ILE A 81 10.12 1.93 21.34
C ILE A 81 10.47 2.59 22.64
N SER A 82 11.57 3.36 22.61
CA SER A 82 11.98 4.23 23.71
CA SER A 82 11.98 4.22 23.72
C SER A 82 12.09 5.67 23.22
N ILE A 83 11.48 6.61 23.95
CA ILE A 83 11.48 8.02 23.67
C ILE A 83 11.87 8.71 24.99
N PRO A 84 13.18 8.73 25.30
CA PRO A 84 13.58 9.16 26.64
C PRO A 84 13.20 10.58 27.02
N THR A 85 13.09 11.49 26.06
CA THR A 85 12.71 12.86 26.44
C THR A 85 11.31 12.98 27.05
N ILE A 86 10.44 12.00 26.80
CA ILE A 86 9.13 11.96 27.46
C ILE A 86 9.01 10.70 28.33
N ASP A 87 10.13 10.05 28.61
CA ASP A 87 10.18 8.84 29.41
C ASP A 87 9.11 7.78 29.01
N ALA A 88 9.03 7.50 27.70
CA ALA A 88 8.08 6.54 27.17
C ALA A 88 8.88 5.31 26.76
N HIS A 89 8.47 4.14 27.23
CA HIS A 89 9.03 2.86 26.80
CA HIS A 89 9.05 2.85 26.85
C HIS A 89 7.86 1.90 26.64
N LEU A 90 7.57 1.57 25.39
CA LEU A 90 6.30 0.94 25.06
C LEU A 90 6.45 -0.20 24.02
N PRO A 91 5.60 -1.25 24.14
CA PRO A 91 5.54 -2.31 23.16
C PRO A 91 4.77 -1.87 21.90
N ILE A 92 5.18 -2.44 20.76
CA ILE A 92 4.48 -2.27 19.50
C ILE A 92 3.94 -3.66 19.08
N TYR A 93 2.69 -3.70 18.63
CA TYR A 93 2.02 -4.90 18.15
C TYR A 93 1.63 -4.76 16.70
N HIS A 94 1.36 -5.88 16.04
CA HIS A 94 0.73 -5.82 14.73
C HIS A 94 -0.65 -5.13 14.80
N GLY A 95 -0.94 -4.29 13.83
CA GLY A 95 -2.28 -3.76 13.66
C GLY A 95 -2.68 -2.68 14.62
N THR A 96 -3.94 -2.29 14.50
CA THR A 96 -4.49 -1.16 15.26
C THR A 96 -5.89 -1.53 15.77
N ASP A 97 -6.06 -2.77 16.23
CA ASP A 97 -7.30 -3.15 16.93
C ASP A 97 -7.51 -2.29 18.18
N THR A 98 -8.77 -2.07 18.48
CA THR A 98 -9.17 -1.32 19.69
C THR A 98 -8.46 -1.84 20.93
N ALA A 99 -8.51 -3.16 21.12
CA ALA A 99 -7.94 -3.75 22.35
C ALA A 99 -6.42 -3.51 22.42
N THR A 100 -5.75 -3.61 21.27
CA THR A 100 -4.29 -3.39 21.20
C THR A 100 -3.92 -1.99 21.70
N LEU A 101 -4.66 -0.99 21.24
CA LEU A 101 -4.34 0.39 21.55
C LEU A 101 -4.74 0.81 23.00
N GLU A 102 -5.44 -0.07 23.74
CA GLU A 102 -5.60 0.13 25.18
C GLU A 102 -4.37 -0.32 25.96
N HIS A 103 -3.51 -1.15 25.35
CA HIS A 103 -2.38 -1.72 26.07
C HIS A 103 -1.00 -1.44 25.50
N GLY A 104 -0.90 -0.83 24.33
CA GLY A 104 0.38 -0.44 23.82
C GLY A 104 0.21 0.30 22.50
N LEU A 105 1.21 0.18 21.64
CA LEU A 105 1.19 0.86 20.35
C LEU A 105 0.82 -0.11 19.27
N GLY A 106 0.16 0.41 18.25
CA GLY A 106 -0.20 -0.34 17.09
C GLY A 106 0.60 0.03 15.84
N HIS A 107 1.03 -0.96 15.09
CA HIS A 107 1.66 -0.70 13.80
C HIS A 107 0.56 -0.59 12.75
N LEU A 108 0.61 0.46 11.93
CA LEU A 108 -0.40 0.66 10.90
CA LEU A 108 -0.40 0.67 10.88
C LEU A 108 -0.13 -0.21 9.68
N TYR A 109 -0.95 -1.24 9.51
CA TYR A 109 -0.92 -2.09 8.37
C TYR A 109 -0.98 -1.24 7.07
N GLY A 110 -0.12 -1.55 6.13
CA GLY A 110 0.02 -0.75 4.92
C GLY A 110 1.23 0.17 4.91
N SER A 111 1.94 0.20 6.05
CA SER A 111 3.23 0.86 6.16
C SER A 111 4.26 -0.24 6.44
N ALA A 112 5.52 0.07 6.17
CA ALA A 112 6.61 -0.90 6.37
C ALA A 112 6.72 -1.26 7.85
N LEU A 113 7.10 -2.50 8.09
CA LEU A 113 7.46 -2.94 9.43
C LEU A 113 8.73 -2.23 9.90
N PRO A 114 8.88 -1.98 11.23
CA PRO A 114 9.94 -1.06 11.66
C PRO A 114 11.27 -1.78 11.85
N VAL A 115 11.86 -2.20 10.72
CA VAL A 115 13.17 -2.85 10.65
C VAL A 115 14.19 -2.00 9.88
N GLY A 116 13.85 -0.76 9.56
CA GLY A 116 14.76 0.16 8.84
C GLY A 116 14.85 -0.17 7.35
N GLY A 117 15.53 0.70 6.61
CA GLY A 117 15.74 0.54 5.19
C GLY A 117 15.36 1.81 4.48
N THR A 118 16.15 2.19 3.49
CA THR A 118 15.79 3.38 2.73
C THR A 118 14.54 3.05 1.94
N GLY A 119 13.62 3.99 1.88
CA GLY A 119 12.33 3.76 1.25
C GLY A 119 11.22 3.30 2.14
N THR A 120 11.51 3.00 3.41
CA THR A 120 10.49 2.55 4.36
C THR A 120 9.99 3.73 5.16
N HIS A 121 8.74 3.65 5.57
CA HIS A 121 8.10 4.65 6.44
C HIS A 121 7.03 4.01 7.35
N PRO A 122 7.49 3.21 8.35
CA PRO A 122 6.56 2.68 9.33
C PRO A 122 5.78 3.77 10.03
N VAL A 123 4.51 3.49 10.28
CA VAL A 123 3.67 4.37 11.05
C VAL A 123 3.20 3.60 12.30
N ILE A 124 3.45 4.19 13.46
CA ILE A 124 3.22 3.57 14.78
C ILE A 124 2.24 4.49 15.49
N THR A 125 1.10 3.94 15.88
CA THR A 125 0.00 4.71 16.50
CA THR A 125 0.05 4.75 16.51
C THR A 125 -0.18 4.38 17.99
N GLY A 126 -0.58 5.38 18.77
CA GLY A 126 -0.93 5.16 20.17
C GLY A 126 -1.99 6.17 20.59
N HIS A 127 -2.65 5.83 21.68
CA HIS A 127 -3.74 6.65 22.20
C HIS A 127 -3.18 7.69 23.13
N SER A 128 -3.90 8.81 23.17
CA SER A 128 -3.76 9.84 24.18
C SER A 128 -5.11 9.98 24.90
N GLY A 129 -5.05 10.16 26.22
CA GLY A 129 -6.24 10.44 27.04
C GLY A 129 -6.83 9.32 27.87
N LEU A 130 -6.42 8.07 27.63
CA LEU A 130 -6.96 6.92 28.34
CA LEU A 130 -6.96 6.92 28.34
C LEU A 130 -6.53 7.02 29.80
N ALA A 131 -7.50 7.08 30.70
CA ALA A 131 -7.26 7.40 32.11
C ALA A 131 -6.35 6.43 32.83
N ASN A 132 -6.42 5.14 32.49
CA ASN A 132 -5.58 4.15 33.18
C ASN A 132 -4.18 3.91 32.55
N ALA A 133 -3.84 4.59 31.45
CA ALA A 133 -2.58 4.30 30.74
C ALA A 133 -2.01 5.52 30.02
N THR A 134 -0.75 5.83 30.26
CA THR A 134 -0.15 7.06 29.72
C THR A 134 -0.04 6.97 28.19
N LEU A 135 0.52 5.87 27.72
CA LEU A 135 0.65 5.60 26.29
C LEU A 135 1.32 6.79 25.55
N PHE A 136 0.66 7.42 24.58
CA PHE A 136 1.24 8.56 23.86
C PHE A 136 0.70 9.91 24.40
N ASP A 137 0.22 9.94 25.65
CA ASP A 137 -0.30 11.19 26.26
C ASP A 137 0.66 12.38 26.03
N ASN A 138 1.96 12.11 26.11
CA ASN A 138 2.97 13.17 26.08
C ASN A 138 3.77 13.23 24.79
N LEU A 139 3.27 12.60 23.70
CA LEU A 139 3.95 12.70 22.40
C LEU A 139 4.05 14.16 21.93
N GLU A 140 3.08 14.98 22.35
CA GLU A 140 3.14 16.42 22.12
C GLU A 140 4.33 17.17 22.72
N ASP A 141 5.06 16.56 23.67
CA ASP A 141 6.22 17.19 24.31
C ASP A 141 7.56 16.78 23.68
N VAL A 142 7.52 15.91 22.69
CA VAL A 142 8.67 15.55 21.93
C VAL A 142 9.03 16.76 21.04
N LYS A 143 10.30 17.09 21.02
CA LYS A 143 10.82 18.19 20.20
C LYS A 143 11.71 17.72 19.04
N GLU A 144 11.91 18.63 18.08
CA GLU A 144 12.85 18.48 16.98
C GLU A 144 14.21 18.05 17.53
N HIS A 145 14.82 17.11 16.82
CA HIS A 145 16.10 16.47 17.20
C HIS A 145 16.06 15.46 18.35
N ASP A 146 14.92 15.27 19.02
CA ASP A 146 14.85 14.25 20.08
C ASP A 146 15.10 12.86 19.47
N PRO A 147 15.76 11.96 20.21
CA PRO A 147 15.96 10.61 19.70
C PRO A 147 14.79 9.65 20.00
N ILE A 148 14.60 8.71 19.10
CA ILE A 148 13.63 7.61 19.23
C ILE A 148 14.39 6.34 18.95
N TYR A 149 14.29 5.33 19.83
CA TYR A 149 14.99 4.06 19.65
C TYR A 149 13.99 2.91 19.45
N ILE A 150 14.17 2.12 18.38
CA ILE A 150 13.31 0.99 18.13
C ILE A 150 14.15 -0.24 18.34
N THR A 151 13.69 -1.14 19.19
CA THR A 151 14.36 -2.42 19.37
C THR A 151 13.51 -3.50 18.73
N VAL A 152 14.14 -4.28 17.85
CA VAL A 152 13.42 -5.31 17.09
C VAL A 152 14.38 -6.46 16.84
N GLN A 153 13.95 -7.66 17.19
CA GLN A 153 14.78 -8.87 17.08
C GLN A 153 16.20 -8.69 17.57
N GLY A 154 16.33 -8.03 18.71
CA GLY A 154 17.62 -7.84 19.35
C GLY A 154 18.42 -6.62 18.89
N GLU A 155 18.01 -5.99 17.81
CA GLU A 155 18.81 -4.90 17.24
C GLU A 155 18.14 -3.58 17.63
N THR A 156 18.91 -2.51 17.77
CA THR A 156 18.34 -1.23 18.10
C THR A 156 18.61 -0.25 16.95
N LEU A 157 17.55 0.44 16.52
CA LEU A 157 17.61 1.45 15.47
C LEU A 157 17.34 2.81 16.10
N LYS A 158 18.09 3.83 15.70
CA LYS A 158 17.95 5.15 16.25
C LYS A 158 17.39 6.07 15.17
N TYR A 159 16.41 6.85 15.57
CA TYR A 159 15.81 7.86 14.70
C TYR A 159 15.89 9.18 15.42
N GLU A 160 15.86 10.27 14.65
CA GLU A 160 15.87 11.61 15.20
C GLU A 160 14.72 12.44 14.63
N VAL A 161 13.97 13.13 15.49
CA VAL A 161 12.77 13.84 15.09
C VAL A 161 13.11 15.01 14.19
N ASP A 162 12.39 15.13 13.08
CA ASP A 162 12.62 16.22 12.11
C ASP A 162 11.36 16.98 11.69
N ALA A 163 10.18 16.55 12.13
CA ALA A 163 8.93 17.23 11.79
C ALA A 163 7.82 16.86 12.76
N ILE A 164 7.03 17.86 13.08
CA ILE A 164 5.95 17.79 14.05
C ILE A 164 4.77 18.53 13.41
N ASN A 165 3.70 17.80 13.09
CA ASN A 165 2.56 18.37 12.38
C ASN A 165 1.25 17.93 13.04
N VAL A 166 0.31 18.86 13.20
CA VAL A 166 -1.04 18.55 13.63
C VAL A 166 -1.93 18.68 12.40
N VAL A 167 -2.64 17.59 12.05
CA VAL A 167 -3.42 17.54 10.82
C VAL A 167 -4.81 16.98 11.08
N LEU A 168 -5.73 17.20 10.12
CA LEU A 168 -7.02 16.53 10.16
C LEU A 168 -6.83 15.06 9.88
N PRO A 169 -7.72 14.19 10.41
CA PRO A 169 -7.48 12.75 10.34
C PRO A 169 -7.43 12.19 8.91
N GLU A 170 -8.10 12.84 7.98
CA GLU A 170 -8.01 12.45 6.56
C GLU A 170 -6.78 12.99 5.83
N ASP A 171 -6.09 13.97 6.40
CA ASP A 171 -4.90 14.55 5.78
C ASP A 171 -3.66 13.67 6.07
N THR A 172 -3.40 12.67 5.22
CA THR A 172 -2.38 11.63 5.44
C THR A 172 -1.11 11.74 4.56
N LYS A 173 -1.03 12.76 3.70
CA LYS A 173 0.12 12.96 2.81
C LYS A 173 1.49 12.82 3.47
N LEU A 174 1.63 13.31 4.70
CA LEU A 174 2.93 13.28 5.40
C LEU A 174 3.45 11.86 5.75
N LEU A 175 2.60 10.85 5.58
CA LEU A 175 2.95 9.45 5.84
C LEU A 175 3.57 8.76 4.65
N ALA A 176 3.71 9.47 3.53
CA ALA A 176 4.25 8.86 2.33
C ALA A 176 5.72 8.40 2.54
N PRO A 177 6.08 7.22 1.97
CA PRO A 177 7.47 6.84 1.92
C PRO A 177 8.23 7.74 0.92
N ASP A 178 9.53 7.86 1.14
CA ASP A 178 10.42 8.57 0.22
C ASP A 178 11.50 7.56 -0.12
N PRO A 179 11.65 7.19 -1.42
CA PRO A 179 12.63 6.14 -1.79
C PRO A 179 14.09 6.39 -1.33
N ASN A 180 14.47 7.63 -1.05
CA ASN A 180 15.81 7.95 -0.53
C ASN A 180 15.93 8.24 0.97
N LYS A 181 14.89 7.96 1.77
CA LYS A 181 14.98 8.18 3.23
C LYS A 181 14.46 6.97 4.00
N ASP A 182 15.02 6.80 5.19
CA ASP A 182 14.62 5.80 6.15
C ASP A 182 13.95 6.62 7.28
N GLN A 183 12.62 6.56 7.34
CA GLN A 183 11.83 7.41 8.23
C GLN A 183 10.84 6.59 9.03
N ILE A 184 10.38 7.18 10.13
CA ILE A 184 9.21 6.69 10.89
C ILE A 184 8.34 7.87 11.29
N THR A 185 7.05 7.63 11.48
CA THR A 185 6.11 8.59 12.01
C THR A 185 5.35 7.94 13.15
N LEU A 186 5.27 8.67 14.27
CA LEU A 186 4.49 8.29 15.42
C LEU A 186 3.26 9.16 15.39
N ILE A 187 2.10 8.54 15.57
CA ILE A 187 0.81 9.22 15.46
CA ILE A 187 0.86 9.29 15.50
C ILE A 187 -0.03 9.08 16.72
N THR A 188 -0.66 10.18 17.16
CA THR A 188 -1.69 10.08 18.19
C THR A 188 -2.81 11.07 17.91
N CSO A 189 -3.87 10.97 18.70
CA CSO A 189 -5.03 11.87 18.60
CA CSO A 189 -5.03 11.87 18.60
CB CSO A 189 -6.32 11.14 18.99
CB CSO A 189 -6.28 11.12 19.08
SG CSO A 189 -6.50 10.81 20.72
SG CSO A 189 -6.14 10.42 20.69
C CSO A 189 -4.76 13.10 19.41
O CSO A 189 -3.75 13.19 20.10
OD CSO A 189 -5.31 9.54 20.85
OD CSO A 189 -7.81 9.99 20.86
N THR A 190 -5.64 14.10 19.33
CA THR A 190 -5.52 15.32 20.15
C THR A 190 -6.78 15.33 20.97
N PRO A 191 -6.78 14.63 22.09
CA PRO A 191 -8.06 14.41 22.75
C PRO A 191 -8.67 15.64 23.43
N TYR A 192 -7.91 16.72 23.61
CA TYR A 192 -8.49 17.94 24.21
C TYR A 192 -9.14 18.86 23.19
N ALA A 193 -8.91 18.62 21.90
CA ALA A 193 -9.51 19.44 20.83
C ALA A 193 -10.96 19.05 20.63
N VAL A 194 -11.79 20.03 20.30
CA VAL A 194 -13.23 19.77 20.07
C VAL A 194 -13.45 18.91 18.83
N ASN A 195 -12.79 19.24 17.71
CA ASN A 195 -12.76 18.34 16.56
C ASN A 195 -11.49 17.45 16.53
N SER A 196 -11.67 16.25 15.97
CA SER A 196 -10.63 15.25 15.85
C SER A 196 -9.46 15.74 14.97
N HIS A 197 -8.24 15.62 15.49
CA HIS A 197 -7.01 15.85 14.73
C HIS A 197 -6.02 14.75 15.04
N ARG A 198 -4.93 14.72 14.28
CA ARG A 198 -3.82 13.82 14.53
C ARG A 198 -2.54 14.60 14.67
N LEU A 199 -1.75 14.23 15.68
CA LEU A 199 -0.37 14.66 15.82
C LEU A 199 0.55 13.64 15.16
N LEU A 200 1.41 14.12 14.24
CA LEU A 200 2.35 13.28 13.48
C LEU A 200 3.74 13.78 13.81
N VAL A 201 4.56 12.88 14.34
CA VAL A 201 5.90 13.18 14.72
C VAL A 201 6.78 12.31 13.82
N ARG A 202 7.50 12.94 12.89
CA ARG A 202 8.30 12.25 11.91
C ARG A 202 9.77 12.29 12.31
N ALA A 203 10.48 11.22 12.01
CA ALA A 203 11.89 11.09 12.37
C ALA A 203 12.65 10.33 11.32
N HIS A 204 13.97 10.56 11.20
CA HIS A 204 14.79 9.91 10.19
C HIS A 204 15.88 9.12 10.88
N ARG A 205 16.35 8.06 10.20
CA ARG A 205 17.35 7.18 10.75
C ARG A 205 18.68 7.92 10.93
N VAL A 206 19.37 7.65 12.01
CA VAL A 206 20.69 8.21 12.26
C VAL A 206 21.58 7.12 12.80
N ASP A 207 22.89 7.35 12.76
CA ASP A 207 23.83 6.36 13.28
C ASP A 207 23.65 6.24 14.79
N LEU A 208 23.83 5.04 15.31
CA LEU A 208 23.68 4.77 16.72
C LEU A 208 25.04 4.66 17.37
N ASP A 209 25.36 5.51 18.34
CA ASP A 209 26.56 5.31 19.18
C ASP A 209 26.36 4.06 20.06
N PRO A 210 27.27 3.04 19.96
CA PRO A 210 27.19 1.86 20.83
C PRO A 210 27.15 2.15 22.35
N ASN A 211 27.81 3.24 22.77
CA ASN A 211 27.81 3.72 24.18
C ASN A 211 26.73 4.77 24.54
N ASP A 212 25.75 4.98 23.67
CA ASP A 212 24.67 5.96 23.89
C ASP A 212 24.03 5.70 25.26
N PRO A 213 24.07 6.71 26.18
CA PRO A 213 23.47 6.53 27.53
C PRO A 213 22.12 5.80 27.55
N ASN A 214 21.26 6.11 26.57
CA ASN A 214 19.89 5.62 26.53
C ASN A 214 19.70 4.13 26.27
N LEU A 215 20.75 3.44 25.80
CA LEU A 215 20.61 2.00 25.45
C LEU A 215 20.53 1.06 26.68
N SER B 23 -16.53 -22.82 -15.57
CA SER B 23 -17.85 -23.02 -14.90
C SER B 23 -18.15 -21.87 -13.93
N PRO B 24 -19.45 -21.59 -13.65
CA PRO B 24 -19.81 -20.37 -12.88
C PRO B 24 -19.32 -20.33 -11.42
N ALA B 25 -19.41 -21.46 -10.71
CA ALA B 25 -19.01 -21.51 -9.30
C ALA B 25 -17.51 -21.26 -9.11
N VAL B 26 -16.68 -21.76 -10.02
CA VAL B 26 -15.23 -21.52 -9.97
C VAL B 26 -14.96 -20.02 -10.22
N ARG B 27 -15.64 -19.47 -11.22
CA ARG B 27 -15.50 -18.05 -11.56
C ARG B 27 -15.89 -17.15 -10.38
N ASP B 28 -17.00 -17.45 -9.73
CA ASP B 28 -17.39 -16.70 -8.51
C ASP B 28 -16.38 -16.85 -7.38
N SER B 29 -15.81 -18.04 -7.18
CA SER B 29 -14.81 -18.22 -6.12
C SER B 29 -13.48 -17.48 -6.43
N VAL B 30 -13.11 -17.43 -7.72
CA VAL B 30 -11.92 -16.68 -8.14
C VAL B 30 -12.14 -15.18 -7.91
N LEU B 31 -13.28 -14.68 -8.37
CA LEU B 31 -13.67 -13.30 -8.17
C LEU B 31 -13.78 -12.92 -6.70
N GLU B 32 -14.35 -13.81 -5.87
CA GLU B 32 -14.42 -13.56 -4.43
CA GLU B 32 -14.42 -13.57 -4.43
C GLU B 32 -13.04 -13.51 -3.77
N ALA B 33 -12.15 -14.40 -4.17
CA ALA B 33 -10.80 -14.39 -3.61
C ALA B 33 -10.08 -13.08 -4.00
N ALA B 34 -10.33 -12.58 -5.21
CA ALA B 34 -9.73 -11.32 -5.65
C ALA B 34 -10.32 -10.13 -4.83
N ARG B 35 -11.63 -10.15 -4.56
CA ARG B 35 -12.22 -9.10 -3.72
C ARG B 35 -11.63 -9.13 -2.29
N GLN B 36 -11.39 -10.32 -1.75
CA GLN B 36 -10.76 -10.46 -0.48
C GLN B 36 -9.30 -9.97 -0.53
N TYR B 37 -8.57 -10.31 -1.60
CA TYR B 37 -7.22 -9.79 -1.80
C TYR B 37 -7.27 -8.25 -1.75
N ASN B 38 -8.25 -7.67 -2.43
CA ASN B 38 -8.35 -6.20 -2.52
C ASN B 38 -8.52 -5.50 -1.19
N THR B 39 -9.13 -6.17 -0.20
CA THR B 39 -9.29 -5.56 1.13
C THR B 39 -7.94 -5.33 1.81
N SER B 40 -6.91 -6.06 1.36
CA SER B 40 -5.55 -5.90 1.87
C SER B 40 -4.78 -4.72 1.26
N VAL B 41 -5.34 -4.09 0.22
CA VAL B 41 -4.65 -3.03 -0.49
C VAL B 41 -4.97 -1.72 0.18
N VAL B 42 -3.98 -1.06 0.74
CA VAL B 42 -4.27 0.01 1.68
C VAL B 42 -4.03 1.41 1.15
N GLY B 43 -3.15 1.59 0.21
CA GLY B 43 -3.03 2.96 -0.31
C GLY B 43 -3.09 2.87 -1.81
N PHE B 44 -2.13 3.52 -2.45
CA PHE B 44 -2.00 3.48 -3.90
C PHE B 44 -0.52 3.50 -4.24
N PRO B 45 -0.14 3.09 -5.45
CA PRO B 45 1.27 3.02 -5.85
C PRO B 45 1.91 4.40 -6.00
N ILE B 46 2.87 4.72 -5.12
CA ILE B 46 3.48 6.08 -5.05
C ILE B 46 4.65 6.22 -6.02
N ALA B 54 9.32 -4.41 -5.66
CA ALA B 54 8.67 -5.51 -4.92
C ALA B 54 9.36 -6.86 -5.19
N SER B 55 9.84 -7.53 -4.14
CA SER B 55 10.43 -8.85 -4.27
C SER B 55 9.32 -9.76 -4.77
N LYS B 56 9.63 -10.51 -5.80
CA LYS B 56 8.70 -11.42 -6.41
C LYS B 56 8.43 -12.61 -5.53
N ASN B 57 9.25 -12.82 -4.50
CA ASN B 57 9.06 -13.89 -3.52
C ASN B 57 8.50 -13.47 -2.15
N SER B 58 8.11 -12.20 -1.97
CA SER B 58 7.43 -11.80 -0.73
C SER B 58 6.06 -12.51 -0.67
N GLY B 59 5.58 -12.77 0.54
CA GLY B 59 4.26 -13.33 0.71
C GLY B 59 3.15 -12.57 -0.02
N PRO B 60 3.06 -11.25 0.19
CA PRO B 60 1.95 -10.55 -0.49
C PRO B 60 2.03 -10.57 -2.01
N TYR B 61 3.25 -10.51 -2.56
CA TYR B 61 3.40 -10.50 -4.01
C TYR B 61 3.06 -11.87 -4.56
N LEU B 62 3.52 -12.92 -3.89
CA LEU B 62 3.11 -14.28 -4.25
C LEU B 62 1.60 -14.47 -4.21
N ASP B 63 0.93 -13.89 -3.21
CA ASP B 63 -0.53 -14.05 -3.10
C ASP B 63 -1.24 -13.33 -4.27
N TYR B 64 -0.75 -12.14 -4.53
CA TYR B 64 -1.15 -11.35 -5.73
C TYR B 64 -1.11 -12.16 -7.04
N LEU B 65 0.02 -12.82 -7.25
CA LEU B 65 0.24 -13.64 -8.44
C LEU B 65 -0.66 -14.85 -8.52
N GLN B 66 -1.16 -15.36 -7.38
CA GLN B 66 -2.18 -16.41 -7.39
C GLN B 66 -3.59 -15.96 -7.73
N GLN B 67 -3.89 -14.67 -7.57
CA GLN B 67 -5.22 -14.14 -7.85
C GLN B 67 -5.48 -14.10 -9.38
N LEU B 68 -6.75 -14.33 -9.77
CA LEU B 68 -7.18 -14.30 -11.17
C LEU B 68 -6.38 -15.27 -12.03
N ASN B 69 -6.06 -16.42 -11.41
CA ASN B 69 -5.16 -17.41 -11.97
C ASN B 69 -5.54 -18.83 -11.44
N PRO B 70 -6.80 -19.25 -11.64
CA PRO B 70 -7.18 -20.61 -11.19
C PRO B 70 -6.40 -21.71 -11.91
N GLN B 71 -6.00 -21.47 -13.15
CA GLN B 71 -5.11 -22.34 -13.89
C GLN B 71 -3.68 -22.48 -13.32
N ARG B 72 -3.33 -21.68 -12.32
CA ARG B 72 -1.99 -21.60 -11.75
C ARG B 72 -0.88 -21.46 -12.80
N ALA B 73 -1.09 -20.59 -13.81
CA ALA B 73 -0.08 -20.38 -14.87
C ALA B 73 0.94 -19.35 -14.39
N GLU B 74 2.07 -19.26 -15.11
CA GLU B 74 3.17 -18.34 -14.71
C GLU B 74 2.95 -16.84 -14.98
N ARG B 75 2.35 -16.54 -16.11
CA ARG B 75 2.08 -15.14 -16.50
C ARG B 75 0.76 -15.12 -17.26
N PRO B 76 -0.34 -15.40 -16.56
CA PRO B 76 -1.64 -15.41 -17.19
C PRO B 76 -2.18 -14.04 -17.52
N VAL B 77 -3.11 -14.00 -18.48
CA VAL B 77 -3.88 -12.78 -18.73
C VAL B 77 -4.90 -12.74 -17.64
N ILE B 78 -4.86 -11.73 -16.80
CA ILE B 78 -5.79 -11.67 -15.64
C ILE B 78 -7.13 -11.04 -15.94
N ALA B 79 -7.15 -10.24 -17.00
CA ALA B 79 -8.36 -9.53 -17.40
C ALA B 79 -8.12 -8.98 -18.79
N SER B 80 -9.21 -8.67 -19.50
CA SER B 80 -9.12 -8.03 -20.80
C SER B 80 -9.82 -6.68 -20.73
N ILE B 81 -9.38 -5.74 -21.56
CA ILE B 81 -9.98 -4.41 -21.60
C ILE B 81 -10.38 -4.12 -23.04
N SER B 82 -11.55 -3.51 -23.21
CA SER B 82 -12.01 -3.02 -24.50
C SER B 82 -12.29 -1.53 -24.36
N ILE B 83 -11.73 -0.74 -25.25
CA ILE B 83 -11.96 0.72 -25.32
C ILE B 83 -12.41 0.93 -26.77
N PRO B 84 -13.69 0.76 -27.03
CA PRO B 84 -14.13 0.75 -28.44
C PRO B 84 -13.83 1.99 -29.25
N THR B 85 -13.92 3.17 -28.63
CA THR B 85 -13.74 4.41 -29.37
C THR B 85 -12.34 4.59 -29.94
N ILE B 86 -11.35 3.88 -29.40
CA ILE B 86 -9.99 3.87 -29.97
C ILE B 86 -9.54 2.51 -30.53
N ASP B 87 -10.48 1.57 -30.65
CA ASP B 87 -10.23 0.22 -31.14
C ASP B 87 -9.09 -0.48 -30.38
N ALA B 88 -9.14 -0.42 -29.05
CA ALA B 88 -8.15 -1.08 -28.20
C ALA B 88 -8.82 -2.27 -27.54
N HIS B 89 -8.29 -3.48 -27.80
CA HIS B 89 -8.75 -4.70 -27.21
C HIS B 89 -7.52 -5.45 -26.73
N LEU B 90 -7.24 -5.40 -25.43
CA LEU B 90 -5.91 -5.74 -24.95
C LEU B 90 -5.91 -6.61 -23.72
N PRO B 91 -4.85 -7.42 -23.56
CA PRO B 91 -4.73 -8.25 -22.35
C PRO B 91 -4.07 -7.47 -21.20
N ILE B 92 -4.49 -7.78 -19.99
CA ILE B 92 -3.90 -7.23 -18.77
C ILE B 92 -3.21 -8.40 -18.05
N TYR B 93 -1.98 -8.15 -17.59
CA TYR B 93 -1.18 -9.13 -16.87
C TYR B 93 -0.88 -8.63 -15.47
N HIS B 94 -0.48 -9.52 -14.58
CA HIS B 94 -0.01 -9.10 -13.26
C HIS B 94 1.25 -8.28 -13.41
N GLY B 95 1.36 -7.18 -12.66
CA GLY B 95 2.60 -6.43 -12.48
C GLY B 95 2.95 -5.57 -13.70
N THR B 96 4.09 -4.89 -13.61
CA THR B 96 4.51 -3.94 -14.62
C THR B 96 5.99 -4.16 -14.99
N ASP B 97 6.44 -5.43 -14.93
CA ASP B 97 7.79 -5.81 -15.36
C ASP B 97 8.03 -5.38 -16.79
N THR B 98 9.29 -5.13 -17.11
CA THR B 98 9.65 -4.73 -18.47
C THR B 98 9.14 -5.69 -19.52
N ALA B 99 9.34 -6.99 -19.31
CA ALA B 99 8.95 -7.98 -20.31
C ALA B 99 7.43 -8.01 -20.52
N THR B 100 6.69 -7.82 -19.44
CA THR B 100 5.23 -7.69 -19.48
C THR B 100 4.76 -6.55 -20.38
N LEU B 101 5.31 -5.38 -20.13
CA LEU B 101 4.91 -4.18 -20.88
C LEU B 101 5.35 -4.16 -22.35
N GLU B 102 6.29 -5.02 -22.75
CA GLU B 102 6.65 -5.20 -24.17
CA GLU B 102 6.64 -5.16 -24.16
C GLU B 102 5.53 -5.84 -24.96
N HIS B 103 4.66 -6.59 -24.29
CA HIS B 103 3.63 -7.43 -24.95
C HIS B 103 2.17 -7.22 -24.56
N GLY B 104 1.91 -6.37 -23.57
CA GLY B 104 0.58 -6.24 -23.03
C GLY B 104 0.49 -5.11 -22.03
N LEU B 105 -0.68 -4.98 -21.40
CA LEU B 105 -0.86 -4.05 -20.34
C LEU B 105 -0.47 -4.72 -19.01
N GLY B 106 -0.06 -3.89 -18.08
CA GLY B 106 0.30 -4.36 -16.76
C GLY B 106 -0.56 -3.75 -15.70
N HIS B 107 -1.01 -4.58 -14.77
CA HIS B 107 -1.70 -4.10 -13.60
C HIS B 107 -0.66 -3.57 -12.58
N LEU B 108 -0.89 -2.38 -12.03
CA LEU B 108 0.09 -1.77 -11.14
C LEU B 108 -0.12 -2.35 -9.74
N TYR B 109 0.85 -3.20 -9.37
CA TYR B 109 0.88 -3.79 -8.01
C TYR B 109 0.78 -2.68 -6.94
N GLY B 110 -0.07 -2.93 -5.95
CA GLY B 110 -0.41 -1.94 -4.92
C GLY B 110 -1.66 -1.12 -5.21
N SER B 111 -2.33 -1.41 -6.33
CA SER B 111 -3.70 -1.01 -6.55
C SER B 111 -4.58 -2.22 -6.54
N ALA B 112 -5.88 -2.04 -6.34
CA ALA B 112 -6.83 -3.14 -6.37
C ALA B 112 -6.81 -3.84 -7.73
N LEU B 113 -7.01 -5.14 -7.72
CA LEU B 113 -7.27 -5.88 -8.94
C LEU B 113 -8.60 -5.43 -9.52
N PRO B 114 -8.73 -5.47 -10.85
CA PRO B 114 -9.87 -4.90 -11.55
C PRO B 114 -11.09 -5.82 -11.55
N VAL B 115 -11.68 -5.99 -10.36
CA VAL B 115 -12.88 -6.81 -10.18
C VAL B 115 -14.04 -6.01 -9.60
N GLY B 116 -13.90 -4.70 -9.50
CA GLY B 116 -14.96 -3.85 -9.02
C GLY B 116 -15.05 -3.70 -7.53
N GLY B 117 -15.89 -2.75 -7.12
CA GLY B 117 -16.13 -2.50 -5.71
C GLY B 117 -15.84 -1.08 -5.35
N THR B 118 -16.69 -0.54 -4.48
CA THR B 118 -16.50 0.83 -4.00
CA THR B 118 -16.52 0.82 -3.96
C THR B 118 -15.23 0.86 -3.14
N GLY B 119 -14.46 1.92 -3.26
CA GLY B 119 -13.16 2.02 -2.60
C GLY B 119 -11.97 1.42 -3.33
N THR B 120 -12.20 0.80 -4.49
CA THR B 120 -11.13 0.25 -5.33
C THR B 120 -10.72 1.25 -6.42
N HIS B 121 -9.44 1.23 -6.76
CA HIS B 121 -8.92 2.06 -7.85
C HIS B 121 -7.77 1.33 -8.54
N PRO B 122 -8.09 0.27 -9.29
CA PRO B 122 -7.07 -0.39 -10.11
C PRO B 122 -6.42 0.60 -11.05
N VAL B 123 -5.14 0.42 -11.28
CA VAL B 123 -4.37 1.21 -12.21
C VAL B 123 -3.75 0.26 -13.22
N ILE B 124 -4.06 0.52 -14.51
CA ILE B 124 -3.61 -0.32 -15.62
C ILE B 124 -2.67 0.50 -16.47
N THR B 125 -1.46 0.03 -16.70
CA THR B 125 -0.48 0.80 -17.47
CA THR B 125 -0.45 0.78 -17.44
C THR B 125 -0.07 0.07 -18.75
N GLY B 126 0.32 0.86 -19.73
CA GLY B 126 0.79 0.35 -21.00
C GLY B 126 1.62 1.38 -21.76
N HIS B 127 2.55 0.92 -22.59
CA HIS B 127 3.34 1.83 -23.43
C HIS B 127 2.52 2.29 -24.62
N SER B 128 2.96 3.38 -25.21
CA SER B 128 2.24 4.00 -26.34
C SER B 128 3.08 4.18 -27.59
N GLY B 129 4.31 3.67 -27.59
CA GLY B 129 5.19 3.91 -28.73
C GLY B 129 6.12 2.77 -29.10
N LEU B 130 5.70 1.55 -28.83
CA LEU B 130 6.54 0.40 -29.15
C LEU B 130 6.53 0.12 -30.61
N ALA B 131 7.68 -0.33 -31.11
CA ALA B 131 7.79 -0.75 -32.50
C ALA B 131 7.02 -2.03 -32.84
N ASN B 132 6.81 -2.88 -31.84
CA ASN B 132 6.41 -4.29 -31.97
CA ASN B 132 6.38 -4.25 -32.14
C ASN B 132 4.99 -4.57 -31.57
N ALA B 133 4.30 -3.56 -31.02
CA ALA B 133 2.93 -3.74 -30.57
C ALA B 133 2.18 -2.43 -30.52
N THR B 134 0.88 -2.50 -30.82
CA THR B 134 -0.03 -1.37 -30.62
C THR B 134 -0.78 -1.60 -29.32
N LEU B 135 -0.44 -0.80 -28.32
CA LEU B 135 -1.02 -0.91 -27.01
C LEU B 135 -1.85 0.32 -26.66
N PHE B 136 -1.32 1.25 -25.86
CA PHE B 136 -2.01 2.47 -25.48
C PHE B 136 -1.62 3.66 -26.38
N ASP B 137 -1.13 3.34 -27.57
CA ASP B 137 -0.75 4.30 -28.61
C ASP B 137 -1.81 5.38 -28.83
N ASN B 138 -3.09 4.98 -28.75
CA ASN B 138 -4.19 5.90 -29.05
C ASN B 138 -4.98 6.38 -27.83
N LEU B 139 -4.44 6.17 -26.63
CA LEU B 139 -5.14 6.51 -25.40
C LEU B 139 -5.43 8.01 -25.35
N GLU B 140 -4.55 8.80 -25.94
CA GLU B 140 -4.76 10.27 -26.01
C GLU B 140 -6.02 10.67 -26.78
N ASP B 141 -6.59 9.76 -27.60
CA ASP B 141 -7.85 10.05 -28.38
C ASP B 141 -9.14 9.74 -27.63
N VAL B 142 -9.01 9.12 -26.46
CA VAL B 142 -10.15 8.84 -25.60
C VAL B 142 -10.74 10.17 -25.13
N LYS B 143 -12.07 10.24 -25.15
CA LYS B 143 -12.82 11.43 -24.75
CA LYS B 143 -12.81 11.44 -24.75
C LYS B 143 -13.59 11.19 -23.44
N GLU B 144 -13.91 12.29 -22.76
CA GLU B 144 -14.83 12.27 -21.63
C GLU B 144 -16.10 11.55 -21.99
N HIS B 145 -16.60 10.74 -21.06
CA HIS B 145 -17.79 9.91 -21.24
C HIS B 145 -17.62 8.65 -22.13
N ASP B 146 -16.44 8.42 -22.74
CA ASP B 146 -16.20 7.19 -23.51
C ASP B 146 -16.26 5.98 -22.59
N PRO B 147 -16.75 4.85 -23.11
CA PRO B 147 -16.87 3.68 -22.29
C PRO B 147 -15.60 2.85 -22.29
N ILE B 148 -15.41 2.14 -21.20
CA ILE B 148 -14.31 1.17 -21.04
C ILE B 148 -14.89 -0.11 -20.47
N TYR B 149 -14.58 -1.25 -21.04
CA TYR B 149 -15.13 -2.53 -20.58
C TYR B 149 -14.00 -3.41 -20.11
N ILE B 150 -14.10 -3.90 -18.88
CA ILE B 150 -13.15 -4.91 -18.34
C ILE B 150 -13.87 -6.23 -18.27
N THR B 151 -13.25 -7.27 -18.80
CA THR B 151 -13.76 -8.64 -18.72
C THR B 151 -12.79 -9.42 -17.85
N VAL B 152 -13.34 -10.06 -16.83
CA VAL B 152 -12.54 -10.79 -15.87
C VAL B 152 -13.37 -11.98 -15.38
N GLN B 153 -12.79 -13.17 -15.49
CA GLN B 153 -13.45 -14.41 -15.15
C GLN B 153 -14.85 -14.53 -15.75
N GLY B 154 -15.02 -14.08 -17.00
CA GLY B 154 -16.31 -14.17 -17.66
C GLY B 154 -17.34 -13.11 -17.31
N GLU B 155 -16.98 -12.15 -16.47
CA GLU B 155 -17.89 -11.11 -16.04
C GLU B 155 -17.40 -9.81 -16.71
N THR B 156 -18.32 -8.97 -17.18
CA THR B 156 -17.96 -7.71 -17.79
C THR B 156 -18.35 -6.53 -16.90
N LEU B 157 -17.41 -5.62 -16.67
CA LEU B 157 -17.63 -4.41 -15.88
C LEU B 157 -17.49 -3.19 -16.77
N LYS B 158 -18.42 -2.23 -16.67
CA LYS B 158 -18.41 -1.04 -17.50
C LYS B 158 -18.04 0.19 -16.67
N TYR B 159 -17.15 0.99 -17.27
CA TYR B 159 -16.63 2.23 -16.71
C TYR B 159 -16.83 3.32 -17.76
N GLU B 160 -16.95 4.54 -17.28
CA GLU B 160 -17.13 5.70 -18.12
C GLU B 160 -16.08 6.75 -17.74
N VAL B 161 -15.40 7.30 -18.73
CA VAL B 161 -14.31 8.23 -18.50
C VAL B 161 -14.84 9.53 -17.92
N ASP B 162 -14.23 9.97 -16.82
CA ASP B 162 -14.61 11.22 -16.17
C ASP B 162 -13.49 12.21 -15.96
N ALA B 163 -12.23 11.81 -16.18
CA ALA B 163 -11.11 12.78 -16.11
C ALA B 163 -9.97 12.33 -16.98
N ILE B 164 -9.28 13.31 -17.58
CA ILE B 164 -8.16 13.04 -18.42
C ILE B 164 -7.12 14.06 -17.97
N ASN B 165 -6.02 13.57 -17.43
CA ASN B 165 -5.00 14.44 -16.89
C ASN B 165 -3.63 14.01 -17.40
N VAL B 166 -2.75 14.97 -17.61
CA VAL B 166 -1.36 14.71 -17.98
C VAL B 166 -0.51 15.28 -16.85
N VAL B 167 0.38 14.47 -16.31
CA VAL B 167 1.18 14.86 -15.14
C VAL B 167 2.61 14.35 -15.31
N LEU B 168 3.52 14.87 -14.49
CA LEU B 168 4.86 14.36 -14.43
C LEU B 168 4.84 13.03 -13.73
N PRO B 169 5.85 12.19 -13.98
CA PRO B 169 5.78 10.79 -13.52
C PRO B 169 5.71 10.63 -11.99
N GLU B 170 6.32 11.55 -11.26
CA GLU B 170 6.30 11.53 -9.79
C GLU B 170 4.96 11.87 -9.16
N ASP B 171 4.11 12.56 -9.92
CA ASP B 171 2.83 13.10 -9.44
C ASP B 171 1.70 12.05 -9.52
N THR B 172 1.57 11.24 -8.47
CA THR B 172 0.61 10.14 -8.41
C THR B 172 -0.67 10.39 -7.57
N LYS B 173 -0.87 11.59 -7.03
CA LYS B 173 -2.08 11.91 -6.23
C LYS B 173 -3.42 11.40 -6.84
N LEU B 174 -3.56 11.58 -8.15
CA LEU B 174 -4.82 11.21 -8.83
C LEU B 174 -5.10 9.69 -8.86
N LEU B 175 -4.16 8.88 -8.42
CA LEU B 175 -4.37 7.43 -8.31
C LEU B 175 -4.99 6.98 -6.96
N ALA B 176 -5.23 7.93 -6.03
CA ALA B 176 -5.79 7.57 -4.72
C ALA B 176 -7.16 6.89 -4.85
N PRO B 177 -7.40 5.81 -4.09
CA PRO B 177 -8.76 5.29 -4.01
C PRO B 177 -9.66 6.24 -3.23
N ASP B 178 -10.95 6.17 -3.51
CA ASP B 178 -11.95 6.95 -2.78
C ASP B 178 -12.93 5.94 -2.21
N PRO B 179 -13.14 5.95 -0.88
CA PRO B 179 -14.01 4.92 -0.30
C PRO B 179 -15.45 4.90 -0.83
N ASN B 180 -15.92 6.00 -1.41
CA ASN B 180 -17.27 6.04 -1.99
C ASN B 180 -17.36 5.91 -3.50
N LYS B 181 -16.25 5.60 -4.16
CA LYS B 181 -16.25 5.42 -5.62
C LYS B 181 -15.59 4.14 -6.06
N ASP B 182 -16.09 3.61 -7.18
CA ASP B 182 -15.53 2.44 -7.86
C ASP B 182 -14.92 3.03 -9.13
N GLN B 183 -13.60 3.09 -9.20
CA GLN B 183 -12.91 3.81 -10.28
C GLN B 183 -11.80 2.97 -10.88
N ILE B 184 -11.32 3.37 -12.05
CA ILE B 184 -10.14 2.78 -12.67
CA ILE B 184 -10.12 2.81 -12.66
C ILE B 184 -9.37 3.93 -13.34
N THR B 185 -8.05 3.81 -13.38
CA THR B 185 -7.20 4.68 -14.19
C THR B 185 -6.33 3.87 -15.16
N LEU B 186 -6.27 4.35 -16.39
CA LEU B 186 -5.40 3.86 -17.41
C LEU B 186 -4.27 4.86 -17.60
N ILE B 187 -3.04 4.37 -17.64
CA ILE B 187 -1.85 5.20 -17.74
C ILE B 187 -0.96 4.82 -18.91
N THR B 188 -0.44 5.85 -19.58
CA THR B 188 0.59 5.67 -20.58
C THR B 188 1.54 6.86 -20.60
N CSO B 189 2.71 6.63 -21.18
CA CSO B 189 3.72 7.66 -21.33
CA CSO B 189 3.74 7.64 -21.35
CB CSO B 189 5.10 7.11 -21.62
CB CSO B 189 5.09 7.01 -21.64
SG CSO B 189 5.55 5.91 -20.42
SG CSO B 189 5.14 5.79 -22.94
C CSO B 189 3.31 8.58 -22.46
O CSO B 189 2.71 8.14 -23.45
OD CSO B 189 4.71 4.57 -21.14
OD CSO B 189 6.81 5.38 -22.83
N THR B 190 3.65 9.86 -22.32
CA THR B 190 3.26 10.86 -23.34
C THR B 190 4.20 12.07 -23.33
N PRO B 191 4.38 12.79 -24.45
CA PRO B 191 3.93 12.43 -25.79
C PRO B 191 4.81 11.42 -26.46
N TYR B 192 4.35 10.98 -27.64
CA TYR B 192 5.07 10.06 -28.46
C TYR B 192 6.52 10.46 -28.71
N ALA B 193 7.41 9.51 -28.47
CA ALA B 193 8.86 9.66 -28.59
C ALA B 193 9.46 10.73 -27.68
N VAL B 194 8.68 11.21 -26.73
CA VAL B 194 9.18 12.16 -25.74
C VAL B 194 9.06 11.50 -24.36
N ASN B 195 7.85 11.15 -23.94
CA ASN B 195 7.64 10.29 -22.75
C ASN B 195 8.03 10.90 -21.39
N SER B 196 8.05 12.22 -21.35
CA SER B 196 8.36 13.00 -20.18
C SER B 196 7.22 12.99 -19.15
N HIS B 197 6.00 12.77 -19.64
CA HIS B 197 4.81 12.88 -18.85
C HIS B 197 4.02 11.60 -18.92
N ARG B 198 2.95 11.59 -18.14
CA ARG B 198 2.03 10.45 -18.01
C ARG B 198 0.61 10.90 -18.24
N LEU B 199 -0.06 10.24 -19.16
CA LEU B 199 -1.51 10.46 -19.42
C LEU B 199 -2.29 9.54 -18.50
N LEU B 200 -3.17 10.10 -17.67
CA LEU B 200 -4.00 9.33 -16.76
C LEU B 200 -5.43 9.54 -17.16
N VAL B 201 -6.06 8.45 -17.60
CA VAL B 201 -7.49 8.46 -17.94
C VAL B 201 -8.25 7.75 -16.84
N ARG B 202 -9.05 8.53 -16.10
CA ARG B 202 -9.85 8.00 -14.99
C ARG B 202 -11.31 7.78 -15.42
N ALA B 203 -11.88 6.69 -14.94
CA ALA B 203 -13.26 6.31 -15.29
C ALA B 203 -13.94 5.75 -14.04
N HIS B 204 -15.28 5.84 -13.97
CA HIS B 204 -16.04 5.34 -12.80
C HIS B 204 -17.02 4.31 -13.29
N ARG B 205 -17.33 3.38 -12.38
CA ARG B 205 -18.20 2.28 -12.67
C ARG B 205 -19.60 2.78 -13.03
N VAL B 206 -20.20 2.18 -14.04
CA VAL B 206 -21.60 2.46 -14.41
C VAL B 206 -22.30 1.13 -14.65
N ASP B 207 -23.64 1.17 -14.68
CA ASP B 207 -24.45 -0.03 -14.95
C ASP B 207 -24.16 -0.54 -16.34
N LEU B 208 -24.10 -1.85 -16.50
CA LEU B 208 -23.93 -2.46 -17.80
C LEU B 208 -25.28 -2.89 -18.32
N ASP B 209 -25.82 -2.16 -19.29
CA ASP B 209 -27.08 -2.57 -19.93
C ASP B 209 -26.86 -3.88 -20.72
N PRO B 210 -27.76 -4.88 -20.55
CA PRO B 210 -27.54 -6.17 -21.25
C PRO B 210 -27.51 -6.08 -22.78
N ASN B 211 -28.16 -5.08 -23.38
CA ASN B 211 -28.13 -4.86 -24.83
C ASN B 211 -27.15 -3.75 -25.29
N ASP B 212 -26.09 -3.49 -24.53
CA ASP B 212 -25.14 -2.42 -24.87
C ASP B 212 -24.64 -2.68 -26.30
N PRO B 213 -24.80 -1.70 -27.22
CA PRO B 213 -24.34 -1.89 -28.61
C PRO B 213 -22.80 -1.92 -28.84
N ASN B 214 -22.00 -1.84 -27.77
CA ASN B 214 -20.59 -2.21 -27.89
C ASN B 214 -20.29 -3.65 -27.47
N LEU B 215 -21.33 -4.42 -27.14
CA LEU B 215 -21.14 -5.84 -26.83
C LEU B 215 -21.72 -6.72 -27.95
#